data_6UPE
#
_entry.id   6UPE
#
_cell.length_a   46.159
_cell.length_b   52.419
_cell.length_c   108.615
_cell.angle_alpha   90.000
_cell.angle_beta   100.580
_cell.angle_gamma   90.000
#
_symmetry.space_group_name_H-M   'P 1 21 1'
#
loop_
_entity.id
_entity.type
_entity.pdbx_description
1 polymer 'Trehalose-phosphate phosphatase'
2 non-polymer 'MAGNESIUM ION'
3 non-polymer '4-octylphenyl 6-O-sulfo-alpha-D-glucopyranoside'
4 water water
#
_entity_poly.entity_id   1
_entity_poly.type   'polypeptide(L)'
_entity_poly.pdbx_seq_one_letter_code
;MAEPLTVSPELTANYAYFFDLDGTLAEIKPHPDQVVVPHKILQLLDRLAAHNAGALALISGRSMTELDALAKPFRFPLAG
VHGAERRDINGKTHIVRLPEAVVREVEALLRSTLVALPGTELESKGMAFALHYRQAPEHEAALLALAQHVTQHWPQLALQ
LGKCVVEIKPKGTNKGEAIAAFMQEAPFAGRIPVFVGDDLTDEAGFGVVNHAGGISVKVGVGATQAAWRLESVPDVWRWL
EQINYPQQEQQVMNNRRDGYESFSRSI
;
_entity_poly.pdbx_strand_id   A,B
#
# COMPACT_ATOMS: atom_id res chain seq x y z
N MET A 1 -17.48 -33.34 -16.08
CA MET A 1 -16.63 -34.01 -15.09
C MET A 1 -16.08 -33.02 -14.06
N ALA A 2 -15.88 -31.77 -14.49
CA ALA A 2 -15.38 -30.76 -13.57
C ALA A 2 -16.42 -30.46 -12.49
N GLU A 3 -15.95 -30.38 -11.25
CA GLU A 3 -16.81 -30.20 -10.09
C GLU A 3 -17.05 -28.71 -9.83
N PRO A 4 -18.28 -28.32 -9.48
CA PRO A 4 -18.52 -26.92 -9.13
C PRO A 4 -17.68 -26.50 -7.93
N LEU A 5 -16.90 -25.45 -8.11
CA LEU A 5 -16.11 -24.91 -7.01
C LEU A 5 -17.01 -24.14 -6.07
N THR A 6 -16.97 -24.49 -4.78
CA THR A 6 -17.84 -23.84 -3.81
C THR A 6 -17.05 -23.35 -2.60
N VAL A 7 -15.97 -24.04 -2.27
CA VAL A 7 -15.15 -23.70 -1.11
C VAL A 7 -14.12 -22.66 -1.50
N SER A 8 -13.95 -21.66 -0.64
CA SER A 8 -12.88 -20.68 -0.80
C SER A 8 -11.72 -21.04 0.10
N PRO A 9 -10.50 -21.12 -0.43
CA PRO A 9 -9.34 -21.37 0.43
C PRO A 9 -9.18 -20.29 1.49
N GLU A 10 -8.51 -20.66 2.58
CA GLU A 10 -8.24 -19.71 3.64
C GLU A 10 -7.21 -18.70 3.18
N LEU A 11 -7.31 -17.48 3.73
CA LEU A 11 -6.45 -16.39 3.29
C LEU A 11 -4.98 -16.69 3.53
N THR A 12 -4.66 -17.41 4.61
CA THR A 12 -3.27 -17.73 4.92
C THR A 12 -2.99 -19.22 4.73
N ALA A 13 -3.40 -19.77 3.59
CA ALA A 13 -3.03 -21.13 3.24
C ALA A 13 -1.71 -21.09 2.45
N ASN A 14 -1.25 -22.25 2.00
CA ASN A 14 0.03 -22.37 1.31
C ASN A 14 -0.18 -22.50 -0.21
N TYR A 15 -0.91 -21.55 -0.78
CA TYR A 15 -1.26 -21.58 -2.19
C TYR A 15 -0.46 -20.54 -2.97
N ALA A 16 -0.18 -20.87 -4.23
CA ALA A 16 0.37 -19.95 -5.21
C ALA A 16 -0.69 -19.74 -6.28
N TYR A 17 -1.09 -18.49 -6.48
CA TYR A 17 -2.24 -18.17 -7.31
C TYR A 17 -1.81 -17.72 -8.70
N PHE A 18 -2.51 -18.22 -9.72
CA PHE A 18 -2.31 -17.85 -11.11
C PHE A 18 -3.67 -17.56 -11.71
N PHE A 19 -3.85 -16.34 -12.22
CA PHE A 19 -5.13 -15.89 -12.76
C PHE A 19 -4.98 -15.50 -14.21
N ASP A 20 -5.85 -16.05 -15.05
CA ASP A 20 -6.08 -15.50 -16.37
C ASP A 20 -6.77 -14.15 -16.23
N LEU A 21 -6.75 -13.36 -17.30
CA LEU A 21 -7.37 -12.04 -17.25
C LEU A 21 -8.71 -12.01 -17.98
N ASP A 22 -8.68 -12.05 -19.31
CA ASP A 22 -9.91 -11.91 -20.08
C ASP A 22 -10.78 -13.14 -19.92
N GLY A 23 -12.02 -12.92 -19.50
CA GLY A 23 -12.93 -14.01 -19.25
C GLY A 23 -12.77 -14.68 -17.91
N THR A 24 -11.91 -14.15 -17.04
CA THR A 24 -11.66 -14.75 -15.73
C THR A 24 -11.75 -13.68 -14.65
N LEU A 25 -10.86 -12.69 -14.70
CA LEU A 25 -10.91 -11.57 -13.76
C LEU A 25 -11.72 -10.40 -14.29
N ALA A 26 -11.92 -10.32 -15.61
CA ALA A 26 -12.70 -9.25 -16.23
C ALA A 26 -13.73 -9.84 -17.16
N GLU A 27 -14.90 -9.21 -17.20
CA GLU A 27 -15.96 -9.68 -18.08
C GLU A 27 -15.58 -9.51 -19.55
N ILE A 28 -16.12 -10.39 -20.38
CA ILE A 28 -15.85 -10.36 -21.82
C ILE A 28 -16.54 -9.15 -22.43
N LYS A 29 -15.82 -8.43 -23.29
CA LYS A 29 -16.31 -7.23 -23.95
C LYS A 29 -16.30 -7.42 -25.47
N PRO A 30 -17.11 -6.65 -26.19
CA PRO A 30 -17.03 -6.71 -27.67
C PRO A 30 -15.71 -6.22 -28.22
N HIS A 31 -14.99 -5.37 -27.50
CA HIS A 31 -13.68 -4.90 -27.92
C HIS A 31 -12.71 -4.96 -26.74
N PRO A 32 -11.47 -5.41 -26.97
CA PRO A 32 -10.54 -5.58 -25.83
C PRO A 32 -10.26 -4.29 -25.05
N ASP A 33 -10.32 -3.13 -25.71
CA ASP A 33 -10.04 -1.87 -25.02
C ASP A 33 -11.15 -1.43 -24.09
N GLN A 34 -12.32 -2.05 -24.16
CA GLN A 34 -13.38 -1.78 -23.20
C GLN A 34 -13.27 -2.66 -21.96
N VAL A 35 -12.36 -3.64 -21.95
CA VAL A 35 -12.23 -4.54 -20.82
C VAL A 35 -11.69 -3.78 -19.62
N VAL A 36 -12.24 -4.08 -18.45
CA VAL A 36 -11.82 -3.43 -17.21
C VAL A 36 -11.90 -4.45 -16.08
N VAL A 37 -10.89 -4.44 -15.22
CA VAL A 37 -10.94 -5.13 -13.94
C VAL A 37 -11.35 -4.11 -12.88
N PRO A 38 -12.47 -4.31 -12.19
CA PRO A 38 -12.89 -3.31 -11.20
C PRO A 38 -11.85 -3.13 -10.12
N HIS A 39 -11.70 -1.88 -9.66
CA HIS A 39 -10.68 -1.58 -8.66
C HIS A 39 -10.88 -2.39 -7.38
N LYS A 40 -12.13 -2.75 -7.06
CA LYS A 40 -12.37 -3.60 -5.90
C LYS A 40 -11.70 -4.96 -6.07
N ILE A 41 -11.73 -5.51 -7.28
CA ILE A 41 -11.15 -6.83 -7.54
C ILE A 41 -9.63 -6.76 -7.50
N LEU A 42 -9.06 -5.68 -8.04
CA LEU A 42 -7.61 -5.51 -7.97
C LEU A 42 -7.12 -5.42 -6.54
N GLN A 43 -7.91 -4.79 -5.66
CA GLN A 43 -7.52 -4.71 -4.25
C GLN A 43 -7.60 -6.06 -3.58
N LEU A 44 -8.58 -6.89 -3.97
CA LEU A 44 -8.67 -8.24 -3.43
C LEU A 44 -7.50 -9.09 -3.88
N LEU A 45 -7.10 -8.96 -5.15
CA LEU A 45 -5.94 -9.68 -5.65
C LEU A 45 -4.67 -9.26 -4.91
N ASP A 46 -4.50 -7.94 -4.72
CA ASP A 46 -3.31 -7.43 -4.04
C ASP A 46 -3.27 -7.87 -2.58
N ARG A 47 -4.44 -7.90 -1.91
CA ARG A 47 -4.47 -8.39 -0.54
C ARG A 47 -4.25 -9.89 -0.48
N LEU A 48 -4.78 -10.63 -1.45
CA LEU A 48 -4.54 -12.06 -1.52
C LEU A 48 -3.06 -12.37 -1.73
N ALA A 49 -2.42 -11.63 -2.63
CA ALA A 49 -0.98 -11.81 -2.85
C ALA A 49 -0.20 -11.49 -1.59
N ALA A 50 -0.61 -10.43 -0.88
CA ALA A 50 0.14 -9.98 0.30
C ALA A 50 0.15 -11.04 1.39
N HIS A 51 -0.96 -11.75 1.56
CA HIS A 51 -1.04 -12.79 2.59
C HIS A 51 -0.45 -14.11 2.13
N ASN A 52 0.07 -14.18 0.91
CA ASN A 52 0.66 -15.40 0.38
C ASN A 52 2.06 -15.15 -0.15
N ALA A 53 2.80 -14.28 0.54
CA ALA A 53 4.23 -14.05 0.26
C ALA A 53 4.45 -13.49 -1.13
N GLY A 54 3.43 -12.85 -1.70
CA GLY A 54 3.51 -12.35 -3.06
C GLY A 54 3.35 -13.38 -4.15
N ALA A 55 2.93 -14.59 -3.82
CA ALA A 55 2.81 -15.67 -4.80
C ALA A 55 1.46 -15.57 -5.54
N LEU A 56 1.36 -14.53 -6.37
CA LEU A 56 0.19 -14.35 -7.22
C LEU A 56 0.65 -13.74 -8.54
N ALA A 57 0.23 -14.34 -9.65
CA ALA A 57 0.65 -13.89 -10.97
C ALA A 57 -0.52 -13.88 -11.93
N LEU A 58 -0.46 -12.97 -12.91
CA LEU A 58 -1.44 -12.92 -13.99
C LEU A 58 -0.85 -13.64 -15.20
N ILE A 59 -1.59 -14.61 -15.73
CA ILE A 59 -1.14 -15.45 -16.84
C ILE A 59 -2.11 -15.20 -17.99
N SER A 60 -1.69 -14.42 -18.98
CA SER A 60 -2.60 -13.92 -20.00
C SER A 60 -1.98 -14.04 -21.38
N GLY A 61 -2.85 -14.04 -22.39
CA GLY A 61 -2.41 -13.89 -23.76
C GLY A 61 -2.10 -12.45 -24.15
N ARG A 62 -2.57 -11.49 -23.37
CA ARG A 62 -2.29 -10.09 -23.65
C ARG A 62 -0.82 -9.78 -23.46
N SER A 63 -0.38 -8.69 -24.07
CA SER A 63 0.99 -8.23 -23.87
C SER A 63 1.18 -7.72 -22.44
N MET A 64 2.43 -7.82 -21.98
CA MET A 64 2.78 -7.40 -20.63
C MET A 64 2.32 -5.97 -20.33
N THR A 65 2.53 -5.05 -21.28
CA THR A 65 2.15 -3.66 -21.04
C THR A 65 0.64 -3.49 -20.90
N GLU A 66 -0.14 -4.25 -21.66
CA GLU A 66 -1.60 -4.17 -21.51
C GLU A 66 -2.06 -4.69 -20.17
N LEU A 67 -1.35 -5.68 -19.61
CA LEU A 67 -1.71 -6.18 -18.29
C LEU A 67 -1.42 -5.14 -17.22
N ASP A 68 -0.30 -4.43 -17.33
CA ASP A 68 0.03 -3.37 -16.39
C ASP A 68 -1.00 -2.25 -16.43
N ALA A 69 -1.53 -1.94 -17.62
CA ALA A 69 -2.59 -0.93 -17.73
C ALA A 69 -3.87 -1.40 -17.07
N LEU A 70 -4.21 -2.68 -17.26
CA LEU A 70 -5.44 -3.21 -16.67
C LEU A 70 -5.33 -3.35 -15.15
N ALA A 71 -4.13 -3.61 -14.65
CA ALA A 71 -3.92 -3.85 -13.22
C ALA A 71 -3.50 -2.59 -12.47
N LYS A 72 -3.39 -1.45 -13.15
CA LYS A 72 -2.97 -0.22 -12.52
C LYS A 72 -3.86 0.09 -11.31
N PRO A 73 -3.30 0.54 -10.18
CA PRO A 73 -1.89 0.88 -9.98
C PRO A 73 -1.00 -0.27 -9.50
N PHE A 74 -1.55 -1.48 -9.46
CA PHE A 74 -0.82 -2.63 -8.93
C PHE A 74 0.08 -3.25 -10.00
N ARG A 75 1.21 -3.79 -9.55
CA ARG A 75 2.20 -4.42 -10.42
C ARG A 75 2.46 -5.83 -9.90
N PHE A 76 1.86 -6.82 -10.55
CA PHE A 76 1.99 -8.22 -10.18
C PHE A 76 3.05 -8.90 -11.03
N PRO A 77 3.56 -10.06 -10.60
CA PRO A 77 4.25 -10.95 -11.54
C PRO A 77 3.31 -11.31 -12.68
N LEU A 78 3.88 -11.44 -13.88
CA LEU A 78 3.07 -11.52 -15.09
C LEU A 78 3.62 -12.58 -16.02
N ALA A 79 2.71 -13.21 -16.75
CA ALA A 79 3.04 -13.92 -17.98
C ALA A 79 2.17 -13.33 -19.08
N GLY A 80 2.81 -12.74 -20.09
CA GLY A 80 2.09 -12.21 -21.24
C GLY A 80 2.35 -13.01 -22.49
N VAL A 81 1.51 -12.82 -23.51
CA VAL A 81 1.62 -13.51 -24.78
C VAL A 81 1.75 -15.02 -24.54
N HIS A 82 0.90 -15.56 -23.67
CA HIS A 82 0.83 -17.00 -23.37
C HIS A 82 2.14 -17.53 -22.81
N GLY A 83 3.00 -16.67 -22.26
CA GLY A 83 4.28 -17.08 -21.71
C GLY A 83 5.48 -16.58 -22.47
N ALA A 84 5.30 -16.04 -23.68
CA ALA A 84 6.42 -15.49 -24.42
C ALA A 84 7.00 -14.24 -23.76
N GLU A 85 6.22 -13.58 -22.90
CA GLU A 85 6.70 -12.51 -22.04
C GLU A 85 6.42 -12.89 -20.59
N ARG A 86 7.36 -12.58 -19.70
CA ARG A 86 7.21 -12.95 -18.30
C ARG A 86 7.95 -11.93 -17.44
N ARG A 87 7.37 -11.62 -16.28
CA ARG A 87 8.02 -10.77 -15.28
C ARG A 87 7.96 -11.48 -13.93
N ASP A 88 9.11 -11.77 -13.34
CA ASP A 88 9.17 -12.54 -12.10
C ASP A 88 8.96 -11.60 -10.92
N ILE A 89 9.08 -12.15 -9.69
CA ILE A 89 8.87 -11.37 -8.48
C ILE A 89 9.92 -10.28 -8.33
N ASN A 90 11.09 -10.42 -8.97
CA ASN A 90 12.14 -9.42 -8.91
C ASN A 90 11.97 -8.34 -9.96
N GLY A 91 10.80 -8.26 -10.59
CA GLY A 91 10.59 -7.33 -11.69
C GLY A 91 11.37 -7.65 -12.95
N LYS A 92 12.14 -8.73 -12.96
CA LYS A 92 12.95 -9.08 -14.12
C LYS A 92 12.06 -9.66 -15.22
N THR A 93 12.21 -9.15 -16.44
CA THR A 93 11.39 -9.57 -17.56
C THR A 93 12.18 -10.51 -18.47
N HIS A 94 11.46 -11.48 -19.04
CA HIS A 94 12.04 -12.48 -19.94
C HIS A 94 11.19 -12.51 -21.21
N ILE A 95 11.84 -12.32 -22.36
CA ILE A 95 11.14 -12.14 -23.62
C ILE A 95 11.63 -13.21 -24.60
N VAL A 96 10.69 -13.98 -25.15
CA VAL A 96 11.03 -14.88 -26.25
C VAL A 96 11.22 -14.05 -27.51
N ARG A 97 12.32 -14.29 -28.21
CA ARG A 97 12.69 -13.50 -29.38
C ARG A 97 12.62 -14.36 -30.64
N LEU A 98 11.92 -13.86 -31.65
CA LEU A 98 11.84 -14.48 -32.96
C LEU A 98 12.83 -13.82 -33.91
N PRO A 99 13.30 -14.55 -34.93
CA PRO A 99 14.13 -13.91 -35.95
C PRO A 99 13.40 -12.75 -36.59
N GLU A 100 14.12 -11.64 -36.78
CA GLU A 100 13.50 -10.43 -37.31
C GLU A 100 12.88 -10.66 -38.68
N ALA A 101 13.51 -11.51 -39.50
CA ALA A 101 12.96 -11.81 -40.81
C ALA A 101 11.63 -12.55 -40.71
N VAL A 102 11.48 -13.41 -39.71
CA VAL A 102 10.22 -14.15 -39.54
C VAL A 102 9.09 -13.20 -39.19
N VAL A 103 9.35 -12.28 -38.26
CA VAL A 103 8.31 -11.33 -37.86
C VAL A 103 7.89 -10.46 -39.03
N ARG A 104 8.87 -10.00 -39.82
CA ARG A 104 8.56 -9.13 -40.95
C ARG A 104 7.82 -9.87 -42.06
N GLU A 105 8.29 -11.07 -42.41
CA GLU A 105 7.66 -11.80 -43.50
C GLU A 105 6.25 -12.26 -43.14
N VAL A 106 6.04 -12.68 -41.89
CA VAL A 106 4.72 -13.17 -41.49
C VAL A 106 3.73 -12.02 -41.41
N GLU A 107 4.13 -10.89 -40.83
CA GLU A 107 3.22 -9.75 -40.73
C GLU A 107 2.82 -9.24 -42.09
N ALA A 108 3.78 -9.15 -43.02
CA ALA A 108 3.45 -8.75 -44.39
C ALA A 108 2.49 -9.75 -45.03
N LEU A 109 2.68 -11.04 -44.75
CA LEU A 109 1.78 -12.06 -45.29
C LEU A 109 0.38 -11.88 -44.74
N LEU A 110 0.24 -11.79 -43.42
CA LEU A 110 -1.08 -11.72 -42.80
C LEU A 110 -1.81 -10.43 -43.19
N ARG A 111 -1.08 -9.32 -43.32
CA ARG A 111 -1.73 -8.05 -43.63
C ARG A 111 -2.35 -8.07 -45.02
N SER A 112 -1.67 -8.67 -46.00
CA SER A 112 -2.18 -8.71 -47.36
C SER A 112 -3.47 -9.52 -47.49
N THR A 113 -3.72 -10.47 -46.57
CA THR A 113 -4.93 -11.27 -46.67
C THR A 113 -6.16 -10.59 -46.05
N LEU A 114 -5.96 -9.49 -45.32
CA LEU A 114 -7.08 -8.87 -44.61
C LEU A 114 -8.08 -8.21 -45.55
N VAL A 115 -7.66 -7.81 -46.75
CA VAL A 115 -8.58 -7.21 -47.69
C VAL A 115 -9.69 -8.19 -48.08
N ALA A 116 -9.39 -9.49 -48.06
CA ALA A 116 -10.36 -10.53 -48.34
C ALA A 116 -10.99 -11.12 -47.08
N LEU A 117 -10.69 -10.56 -45.91
CA LEU A 117 -11.29 -10.99 -44.66
C LEU A 117 -11.75 -9.76 -43.86
N PRO A 118 -12.69 -8.99 -44.41
CA PRO A 118 -13.07 -7.73 -43.76
C PRO A 118 -13.76 -7.99 -42.42
N GLY A 119 -13.45 -7.12 -41.45
CA GLY A 119 -13.88 -7.32 -40.08
C GLY A 119 -12.84 -7.98 -39.20
N THR A 120 -11.86 -8.66 -39.79
CA THR A 120 -10.79 -9.26 -39.01
C THR A 120 -9.73 -8.23 -38.67
N GLU A 121 -9.18 -8.32 -37.46
CA GLU A 121 -8.15 -7.41 -36.99
C GLU A 121 -6.88 -8.20 -36.69
N LEU A 122 -5.76 -7.73 -37.21
CA LEU A 122 -4.46 -8.33 -36.97
C LEU A 122 -3.74 -7.54 -35.89
N GLU A 123 -3.48 -8.19 -34.77
CA GLU A 123 -2.77 -7.58 -33.64
C GLU A 123 -1.34 -8.11 -33.61
N SER A 124 -0.38 -7.22 -33.79
CA SER A 124 1.03 -7.58 -33.77
C SER A 124 1.58 -7.41 -32.36
N LYS A 125 2.19 -8.46 -31.83
CA LYS A 125 2.63 -8.47 -30.44
C LYS A 125 4.15 -8.56 -30.30
N GLY A 126 4.90 -8.34 -31.37
CA GLY A 126 6.36 -8.41 -31.29
C GLY A 126 6.93 -9.78 -31.55
N MET A 127 6.46 -10.80 -30.83
CA MET A 127 6.83 -12.18 -31.08
C MET A 127 5.62 -13.07 -31.34
N ALA A 128 4.45 -12.47 -31.59
CA ALA A 128 3.25 -13.24 -31.85
C ALA A 128 2.28 -12.38 -32.67
N PHE A 129 1.31 -13.06 -33.28
CA PHE A 129 0.27 -12.41 -34.06
C PHE A 129 -1.09 -12.96 -33.66
N ALA A 130 -2.04 -12.07 -33.42
CA ALA A 130 -3.40 -12.44 -33.05
C ALA A 130 -4.36 -11.96 -34.13
N LEU A 131 -5.22 -12.86 -34.59
CA LEU A 131 -6.22 -12.56 -35.61
C LEU A 131 -7.60 -12.54 -34.94
N HIS A 132 -8.11 -11.35 -34.67
CA HIS A 132 -9.40 -11.18 -34.02
C HIS A 132 -10.50 -11.16 -35.07
N TYR A 133 -11.57 -11.93 -34.83
CA TYR A 133 -12.66 -12.00 -35.79
C TYR A 133 -14.03 -11.98 -35.13
N ARG A 134 -14.14 -11.33 -33.97
CA ARG A 134 -15.42 -11.30 -33.26
C ARG A 134 -16.50 -10.57 -34.06
N GLN A 135 -16.12 -9.55 -34.83
CA GLN A 135 -17.07 -8.84 -35.66
C GLN A 135 -17.44 -9.58 -36.94
N ALA A 136 -16.74 -10.67 -37.26
CA ALA A 136 -17.03 -11.45 -38.46
C ALA A 136 -16.72 -12.91 -38.19
N PRO A 137 -17.63 -13.63 -37.52
CA PRO A 137 -17.36 -15.04 -37.20
C PRO A 137 -17.23 -15.94 -38.42
N GLU A 138 -17.68 -15.48 -39.59
CA GLU A 138 -17.60 -16.30 -40.80
C GLU A 138 -16.16 -16.54 -41.24
N HIS A 139 -15.22 -15.66 -40.88
CA HIS A 139 -13.84 -15.79 -41.30
C HIS A 139 -13.03 -16.79 -40.47
N GLU A 140 -13.66 -17.45 -39.49
CA GLU A 140 -12.90 -18.26 -38.54
C GLU A 140 -12.23 -19.45 -39.22
N ALA A 141 -12.94 -20.14 -40.12
CA ALA A 141 -12.33 -21.28 -40.79
C ALA A 141 -11.17 -20.85 -41.68
N ALA A 142 -11.30 -19.71 -42.35
CA ALA A 142 -10.22 -19.21 -43.19
C ALA A 142 -9.00 -18.83 -42.36
N LEU A 143 -9.23 -18.09 -41.26
CA LEU A 143 -8.10 -17.66 -40.42
C LEU A 143 -7.38 -18.87 -39.83
N LEU A 144 -8.10 -19.94 -39.50
CA LEU A 144 -7.47 -21.13 -38.98
C LEU A 144 -6.58 -21.79 -40.03
N ALA A 145 -7.11 -21.99 -41.24
CA ALA A 145 -6.32 -22.56 -42.31
C ALA A 145 -5.12 -21.69 -42.66
N LEU A 146 -5.30 -20.36 -42.62
CA LEU A 146 -4.20 -19.45 -42.94
C LEU A 146 -3.10 -19.52 -41.90
N ALA A 147 -3.47 -19.41 -40.63
CA ALA A 147 -2.48 -19.48 -39.56
C ALA A 147 -1.82 -20.86 -39.50
N GLN A 148 -2.61 -21.92 -39.70
CA GLN A 148 -2.03 -23.25 -39.75
C GLN A 148 -0.97 -23.36 -40.84
N HIS A 149 -1.21 -22.73 -41.99
CA HIS A 149 -0.21 -22.76 -43.05
C HIS A 149 0.97 -21.87 -42.73
N VAL A 150 0.77 -20.80 -41.97
CA VAL A 150 1.90 -19.97 -41.53
C VAL A 150 2.84 -20.80 -40.66
N THR A 151 2.28 -21.62 -39.77
CA THR A 151 3.12 -22.41 -38.87
C THR A 151 3.86 -23.52 -39.60
N GLN A 152 3.39 -23.92 -40.78
CA GLN A 152 4.07 -24.96 -41.55
C GLN A 152 5.24 -24.40 -42.34
N HIS A 153 5.11 -23.17 -42.86
CA HIS A 153 6.19 -22.54 -43.60
C HIS A 153 7.20 -21.88 -42.69
N TRP A 154 6.80 -21.50 -41.47
CA TRP A 154 7.70 -20.93 -40.47
C TRP A 154 7.62 -21.83 -39.23
N PRO A 155 8.41 -22.91 -39.18
CA PRO A 155 8.28 -23.87 -38.07
C PRO A 155 8.63 -23.30 -36.71
N GLN A 156 9.19 -22.10 -36.63
CA GLN A 156 9.40 -21.44 -35.34
C GLN A 156 8.10 -21.03 -34.67
N LEU A 157 6.97 -21.12 -35.38
CA LEU A 157 5.70 -20.60 -34.90
C LEU A 157 4.71 -21.74 -34.65
N ALA A 158 3.84 -21.53 -33.66
CA ALA A 158 2.82 -22.49 -33.29
C ALA A 158 1.45 -21.84 -33.33
N LEU A 159 0.42 -22.68 -33.35
CA LEU A 159 -0.97 -22.24 -33.42
C LEU A 159 -1.56 -22.20 -32.02
N GLN A 160 -2.31 -21.14 -31.72
CA GLN A 160 -3.04 -21.03 -30.46
C GLN A 160 -4.44 -20.51 -30.77
N LEU A 161 -5.40 -21.42 -30.75
CA LEU A 161 -6.80 -21.08 -30.97
C LEU A 161 -7.39 -20.50 -29.71
N GLY A 162 -8.39 -19.64 -29.87
CA GLY A 162 -9.02 -19.03 -28.72
C GLY A 162 -10.39 -18.48 -29.08
N LYS A 163 -11.06 -17.93 -28.07
CA LYS A 163 -12.37 -17.34 -28.23
C LYS A 163 -12.30 -16.15 -29.18
N CYS A 164 -12.90 -16.29 -30.37
CA CYS A 164 -12.95 -15.26 -31.40
C CYS A 164 -11.56 -14.77 -31.82
N VAL A 165 -10.51 -15.56 -31.56
CA VAL A 165 -9.15 -15.20 -31.93
C VAL A 165 -8.44 -16.44 -32.44
N VAL A 166 -7.65 -16.27 -33.49
CA VAL A 166 -6.66 -17.25 -33.92
C VAL A 166 -5.28 -16.61 -33.75
N GLU A 167 -4.44 -17.21 -32.91
CA GLU A 167 -3.18 -16.61 -32.51
C GLU A 167 -2.01 -17.44 -33.01
N ILE A 168 -0.98 -16.76 -33.49
CA ILE A 168 0.27 -17.37 -33.91
C ILE A 168 1.35 -16.95 -32.92
N LYS A 169 1.99 -17.92 -32.29
CA LYS A 169 2.88 -17.72 -31.16
C LYS A 169 4.19 -18.45 -31.41
N PRO A 170 5.24 -18.12 -30.63
CA PRO A 170 6.49 -18.88 -30.75
C PRO A 170 6.28 -20.32 -30.33
N LYS A 171 6.87 -21.24 -31.09
CA LYS A 171 6.76 -22.66 -30.76
C LYS A 171 7.39 -22.92 -29.40
N GLY A 172 6.72 -23.74 -28.60
CA GLY A 172 7.17 -24.02 -27.24
C GLY A 172 6.64 -23.07 -26.19
N THR A 173 5.86 -22.07 -26.58
CA THR A 173 5.26 -21.13 -25.65
C THR A 173 3.84 -21.59 -25.31
N ASN A 174 3.54 -21.67 -24.02
CA ASN A 174 2.19 -21.97 -23.57
C ASN A 174 2.09 -21.62 -22.09
N LYS A 175 0.86 -21.55 -21.60
CA LYS A 175 0.66 -21.13 -20.22
C LYS A 175 1.11 -22.19 -19.22
N GLY A 176 1.20 -23.46 -19.65
CA GLY A 176 1.77 -24.48 -18.79
C GLY A 176 3.22 -24.21 -18.45
N GLU A 177 4.05 -23.94 -19.48
CA GLU A 177 5.44 -23.63 -19.21
C GLU A 177 5.59 -22.29 -18.51
N ALA A 178 4.66 -21.36 -18.72
CA ALA A 178 4.70 -20.11 -17.96
C ALA A 178 4.46 -20.37 -16.48
N ILE A 179 3.49 -21.22 -16.15
CA ILE A 179 3.26 -21.58 -14.75
C ILE A 179 4.44 -22.36 -14.20
N ALA A 180 5.04 -23.22 -15.03
CA ALA A 180 6.22 -23.98 -14.60
C ALA A 180 7.37 -23.06 -14.23
N ALA A 181 7.64 -22.05 -15.07
CA ALA A 181 8.73 -21.12 -14.79
C ALA A 181 8.53 -20.45 -13.44
N PHE A 182 7.28 -20.10 -13.11
CA PHE A 182 7.01 -19.46 -11.83
C PHE A 182 7.17 -20.44 -10.67
N MET A 183 6.74 -21.70 -10.85
CA MET A 183 6.71 -22.64 -9.74
C MET A 183 8.10 -23.06 -9.26
N GLN A 184 9.16 -22.78 -10.02
CA GLN A 184 10.51 -23.06 -9.54
C GLN A 184 11.22 -21.82 -9.01
N GLU A 185 10.52 -20.70 -8.88
CA GLU A 185 11.07 -19.45 -8.38
C GLU A 185 10.52 -19.13 -6.99
N ALA A 186 11.35 -18.43 -6.21
CA ALA A 186 11.29 -18.26 -4.75
C ALA A 186 9.88 -18.15 -4.16
N PRO A 187 9.07 -17.15 -4.53
CA PRO A 187 7.79 -17.00 -3.82
C PRO A 187 6.83 -18.13 -4.10
N PHE A 188 6.74 -18.57 -5.37
CA PHE A 188 5.78 -19.60 -5.75
C PHE A 188 6.26 -20.99 -5.37
N ALA A 189 7.57 -21.24 -5.42
CA ALA A 189 8.10 -22.56 -5.11
C ALA A 189 7.76 -22.97 -3.68
N GLY A 190 7.37 -24.23 -3.51
CA GLY A 190 6.96 -24.72 -2.22
C GLY A 190 5.50 -24.46 -1.86
N ARG A 191 4.73 -23.86 -2.76
CA ARG A 191 3.31 -23.67 -2.54
C ARG A 191 2.51 -24.52 -3.54
N ILE A 192 1.22 -24.66 -3.27
CA ILE A 192 0.33 -25.46 -4.10
C ILE A 192 -0.25 -24.54 -5.19
N PRO A 193 -0.07 -24.85 -6.46
CA PRO A 193 -0.55 -23.95 -7.51
C PRO A 193 -2.06 -23.99 -7.68
N VAL A 194 -2.64 -22.80 -7.85
CA VAL A 194 -4.06 -22.62 -8.16
C VAL A 194 -4.13 -21.77 -9.42
N PHE A 195 -4.77 -22.31 -10.46
CA PHE A 195 -4.87 -21.61 -11.73
C PHE A 195 -6.32 -21.51 -12.15
N VAL A 196 -6.76 -20.30 -12.48
CA VAL A 196 -8.13 -20.02 -12.90
C VAL A 196 -8.08 -19.43 -14.31
N GLY A 197 -8.76 -20.07 -15.25
CA GLY A 197 -8.77 -19.64 -16.63
C GLY A 197 -10.07 -20.04 -17.31
N ASP A 198 -10.19 -19.66 -18.59
CA ASP A 198 -11.46 -19.85 -19.29
C ASP A 198 -11.34 -20.27 -20.75
N ASP A 199 -10.17 -20.29 -21.36
CA ASP A 199 -10.03 -20.50 -22.79
C ASP A 199 -9.11 -21.68 -23.08
N LEU A 200 -8.94 -21.99 -24.37
CA LEU A 200 -8.10 -23.14 -24.74
C LEU A 200 -6.66 -22.97 -24.27
N THR A 201 -6.13 -21.75 -24.35
CA THR A 201 -4.76 -21.51 -23.89
C THR A 201 -4.60 -21.88 -22.43
N ASP A 202 -5.66 -21.76 -21.63
CA ASP A 202 -5.58 -22.09 -20.21
C ASP A 202 -5.60 -23.58 -19.95
N GLU A 203 -5.99 -24.40 -20.93
CA GLU A 203 -5.98 -25.84 -20.72
C GLU A 203 -4.58 -26.37 -20.50
N ALA A 204 -3.57 -25.76 -21.15
CA ALA A 204 -2.19 -26.17 -20.91
C ALA A 204 -1.78 -25.91 -19.46
N GLY A 205 -2.24 -24.79 -18.89
CA GLY A 205 -2.00 -24.55 -17.48
C GLY A 205 -2.75 -25.52 -16.60
N PHE A 206 -4.01 -25.82 -16.94
CA PHE A 206 -4.77 -26.80 -16.17
C PHE A 206 -4.03 -28.14 -16.11
N GLY A 207 -3.40 -28.55 -17.20
CA GLY A 207 -2.70 -29.82 -17.22
C GLY A 207 -1.55 -29.88 -16.24
N VAL A 208 -0.71 -28.84 -16.23
CA VAL A 208 0.46 -28.87 -15.35
C VAL A 208 0.04 -28.66 -13.89
N VAL A 209 -1.04 -27.92 -13.67
CA VAL A 209 -1.52 -27.72 -12.30
C VAL A 209 -2.13 -29.01 -11.75
N ASN A 210 -2.85 -29.75 -12.59
CA ASN A 210 -3.39 -31.04 -12.16
C ASN A 210 -2.27 -32.01 -11.83
N HIS A 211 -1.27 -32.11 -12.71
CA HIS A 211 -0.15 -33.02 -12.46
C HIS A 211 0.61 -32.64 -11.19
N ALA A 212 0.61 -31.36 -10.83
CA ALA A 212 1.30 -30.88 -9.63
C ALA A 212 0.48 -31.05 -8.37
N GLY A 213 -0.71 -31.67 -8.45
CA GLY A 213 -1.56 -31.75 -7.29
C GLY A 213 -2.18 -30.44 -6.85
N GLY A 214 -2.31 -29.48 -7.78
CA GLY A 214 -2.89 -28.19 -7.47
C GLY A 214 -4.38 -28.14 -7.75
N ILE A 215 -4.89 -26.91 -7.84
CA ILE A 215 -6.31 -26.67 -8.05
C ILE A 215 -6.47 -25.93 -9.37
N SER A 216 -7.14 -26.58 -10.33
CA SER A 216 -7.42 -25.98 -11.63
C SER A 216 -8.91 -25.63 -11.71
N VAL A 217 -9.21 -24.40 -12.12
CA VAL A 217 -10.58 -23.90 -12.12
C VAL A 217 -10.92 -23.38 -13.51
N LYS A 218 -11.90 -23.99 -14.15
CA LYS A 218 -12.41 -23.51 -15.43
C LYS A 218 -13.53 -22.50 -15.19
N VAL A 219 -13.52 -21.41 -15.95
CA VAL A 219 -14.55 -20.38 -15.88
C VAL A 219 -15.43 -20.49 -17.11
N GLY A 220 -16.73 -20.55 -16.90
CA GLY A 220 -17.66 -20.58 -18.01
C GLY A 220 -17.95 -21.97 -18.53
N VAL A 221 -18.57 -22.00 -19.70
CA VAL A 221 -19.04 -23.25 -20.28
C VAL A 221 -17.96 -23.87 -21.16
N GLY A 222 -18.14 -25.15 -21.50
CA GLY A 222 -17.23 -25.82 -22.40
C GLY A 222 -16.50 -26.98 -21.75
N ALA A 223 -16.08 -27.94 -22.55
CA ALA A 223 -15.28 -29.05 -22.04
C ALA A 223 -13.97 -28.53 -21.48
N THR A 224 -13.51 -29.15 -20.38
CA THR A 224 -12.29 -28.67 -19.74
C THR A 224 -11.56 -29.84 -19.10
N GLN A 225 -10.26 -29.63 -18.93
CA GLN A 225 -9.39 -30.51 -18.17
C GLN A 225 -9.33 -30.14 -16.70
N ALA A 226 -9.83 -28.95 -16.35
CA ALA A 226 -9.81 -28.48 -14.97
C ALA A 226 -10.66 -29.39 -14.08
N ALA A 227 -10.20 -29.54 -12.83
CA ALA A 227 -10.96 -30.33 -11.87
C ALA A 227 -12.16 -29.59 -11.32
N TRP A 228 -12.16 -28.27 -11.40
CA TRP A 228 -13.18 -27.43 -10.79
C TRP A 228 -13.66 -26.39 -11.78
N ARG A 229 -14.87 -25.88 -11.53
CA ARG A 229 -15.49 -24.96 -12.48
C ARG A 229 -16.21 -23.85 -11.73
N LEU A 230 -16.07 -22.63 -12.25
CA LEU A 230 -16.88 -21.49 -11.84
C LEU A 230 -17.72 -21.07 -13.05
N GLU A 231 -18.93 -20.58 -12.78
CA GLU A 231 -19.89 -20.40 -13.87
C GLU A 231 -19.68 -19.12 -14.65
N SER A 232 -19.11 -18.09 -14.03
CA SER A 232 -19.02 -16.79 -14.69
C SER A 232 -17.95 -15.95 -14.01
N VAL A 233 -17.60 -14.83 -14.66
CA VAL A 233 -16.63 -13.92 -14.07
C VAL A 233 -17.08 -13.37 -12.73
N PRO A 234 -18.34 -12.93 -12.55
CA PRO A 234 -18.77 -12.52 -11.20
C PRO A 234 -18.65 -13.62 -10.15
N ASP A 235 -18.69 -14.89 -10.56
CA ASP A 235 -18.44 -15.96 -9.62
C ASP A 235 -16.96 -16.02 -9.22
N VAL A 236 -16.06 -15.65 -10.13
CA VAL A 236 -14.65 -15.52 -9.75
C VAL A 236 -14.51 -14.42 -8.70
N TRP A 237 -15.18 -13.28 -8.93
CA TRP A 237 -15.13 -12.17 -7.98
C TRP A 237 -15.63 -12.58 -6.61
N ARG A 238 -16.77 -13.29 -6.56
CA ARG A 238 -17.34 -13.72 -5.28
C ARG A 238 -16.43 -14.74 -4.60
N TRP A 239 -15.88 -15.68 -5.37
CA TRP A 239 -14.88 -16.59 -4.82
C TRP A 239 -13.68 -15.82 -4.27
N LEU A 240 -13.23 -14.81 -5.02
CA LEU A 240 -12.11 -13.98 -4.57
C LEU A 240 -12.45 -13.25 -3.27
N GLU A 241 -13.68 -12.72 -3.19
CA GLU A 241 -14.09 -11.98 -2.01
C GLU A 241 -14.19 -12.89 -0.78
N GLN A 242 -14.61 -14.14 -0.98
CA GLN A 242 -14.77 -15.05 0.16
C GLN A 242 -13.43 -15.52 0.70
N ILE A 243 -12.41 -15.62 -0.15
CA ILE A 243 -11.06 -15.90 0.36
C ILE A 243 -10.59 -14.75 1.26
N ASN A 244 -10.81 -13.51 0.82
CA ASN A 244 -10.32 -12.36 1.58
C ASN A 244 -11.13 -12.15 2.85
N TYR A 245 -12.45 -12.30 2.78
CA TYR A 245 -13.33 -12.03 3.91
C TYR A 245 -14.37 -13.13 4.01
N PRO A 246 -14.09 -14.19 4.78
CA PRO A 246 -15.05 -15.28 5.00
C PRO A 246 -16.24 -14.83 5.86
N MET B 1 14.73 33.33 18.51
CA MET B 1 14.98 34.50 19.35
C MET B 1 14.13 34.47 20.61
N ALA B 2 13.83 33.27 21.11
CA ALA B 2 12.93 33.11 22.25
C ALA B 2 13.57 33.63 23.53
N GLU B 3 12.78 34.36 24.32
CA GLU B 3 13.19 34.92 25.59
C GLU B 3 12.82 33.98 26.73
N PRO B 4 13.52 34.06 27.86
CA PRO B 4 13.13 33.22 29.02
C PRO B 4 11.70 33.51 29.46
N LEU B 5 10.98 32.45 29.79
CA LEU B 5 9.56 32.56 30.10
C LEU B 5 9.33 33.43 31.34
N THR B 6 8.53 34.49 31.17
CA THR B 6 8.23 35.42 32.24
C THR B 6 6.86 35.19 32.89
N VAL B 7 5.87 34.75 32.13
CA VAL B 7 4.49 34.70 32.60
C VAL B 7 4.24 33.39 33.34
N SER B 8 3.71 33.50 34.55
CA SER B 8 3.21 32.36 35.30
C SER B 8 1.70 32.50 35.38
N PRO B 9 0.95 31.83 34.50
CA PRO B 9 -0.49 32.11 34.40
C PRO B 9 -1.22 31.78 35.70
N GLU B 10 -2.24 32.59 36.00
CA GLU B 10 -3.11 32.29 37.13
C GLU B 10 -3.85 30.98 36.89
N LEU B 11 -4.12 30.26 37.98
CA LEU B 11 -4.79 28.97 37.86
C LEU B 11 -6.18 29.10 37.24
N THR B 12 -6.88 30.19 37.53
CA THR B 12 -8.20 30.41 36.96
C THR B 12 -8.19 31.52 35.93
N ALA B 13 -7.19 31.51 35.04
CA ALA B 13 -7.13 32.47 33.95
C ALA B 13 -7.94 31.95 32.76
N ASN B 14 -7.85 32.62 31.62
CA ASN B 14 -8.63 32.26 30.43
C ASN B 14 -7.76 31.57 29.39
N TYR B 15 -6.92 30.63 29.82
CA TYR B 15 -5.99 29.95 28.93
C TYR B 15 -6.47 28.55 28.61
N ALA B 16 -6.20 28.12 27.37
CA ALA B 16 -6.31 26.73 26.96
C ALA B 16 -4.89 26.19 26.79
N TYR B 17 -4.64 24.99 27.31
CA TYR B 17 -3.29 24.47 27.44
C TYR B 17 -3.06 23.30 26.48
N PHE B 18 -1.88 23.29 25.86
CA PHE B 18 -1.47 22.20 24.99
C PHE B 18 -0.03 21.83 25.33
N PHE B 19 0.21 20.57 25.67
CA PHE B 19 1.51 20.11 26.13
C PHE B 19 2.02 19.00 25.22
N ASP B 20 3.21 19.19 24.67
CA ASP B 20 3.94 18.08 24.09
C ASP B 20 4.36 17.11 25.19
N LEU B 21 4.70 15.89 24.78
CA LEU B 21 5.09 14.89 25.78
C LEU B 21 6.60 14.71 25.85
N ASP B 22 7.17 13.97 24.90
CA ASP B 22 8.60 13.67 24.93
C ASP B 22 9.41 14.95 24.82
N GLY B 23 10.38 15.12 25.73
CA GLY B 23 11.19 16.31 25.78
C GLY B 23 10.49 17.53 26.36
N THR B 24 9.22 17.41 26.74
CA THR B 24 8.47 18.52 27.31
C THR B 24 7.91 18.17 28.68
N LEU B 25 7.02 17.18 28.76
CA LEU B 25 6.50 16.72 30.03
C LEU B 25 7.33 15.59 30.63
N ALA B 26 7.99 14.79 29.80
CA ALA B 26 8.80 13.68 30.24
C ALA B 26 10.25 13.90 29.83
N GLU B 27 11.17 13.57 30.73
CA GLU B 27 12.58 13.65 30.42
C GLU B 27 12.95 12.64 29.34
N ILE B 28 13.91 13.03 28.50
CA ILE B 28 14.48 12.12 27.52
C ILE B 28 15.52 11.25 28.23
N LYS B 29 15.25 9.96 28.30
CA LYS B 29 15.98 9.02 29.14
C LYS B 29 16.96 8.18 28.32
N PRO B 30 18.00 7.61 28.97
CA PRO B 30 19.02 6.86 28.23
C PRO B 30 18.48 5.69 27.42
N HIS B 31 17.78 4.76 28.05
CA HIS B 31 17.25 3.61 27.33
C HIS B 31 16.13 4.04 26.39
N PRO B 32 15.99 3.38 25.23
CA PRO B 32 15.02 3.85 24.22
C PRO B 32 13.57 3.63 24.60
N ASP B 33 13.28 2.84 25.63
CA ASP B 33 11.93 2.44 25.94
C ASP B 33 11.35 3.07 27.20
N GLN B 34 12.11 3.92 27.90
CA GLN B 34 11.65 4.54 29.13
C GLN B 34 11.11 5.93 28.83
N VAL B 35 9.81 6.12 29.07
CA VAL B 35 9.18 7.43 29.02
C VAL B 35 8.23 7.52 30.20
N VAL B 36 8.49 8.45 31.11
CA VAL B 36 7.74 8.56 32.36
C VAL B 36 7.33 10.01 32.56
N VAL B 37 6.03 10.25 32.72
CA VAL B 37 5.53 11.50 33.26
C VAL B 37 5.23 11.26 34.74
N PRO B 38 5.99 11.87 35.67
CA PRO B 38 5.78 11.57 37.09
C PRO B 38 4.35 11.85 37.53
N HIS B 39 3.87 11.01 38.45
CA HIS B 39 2.48 11.10 38.89
C HIS B 39 2.14 12.47 39.45
N LYS B 40 3.08 13.12 40.13
CA LYS B 40 2.84 14.45 40.65
C LYS B 40 2.69 15.47 39.52
N ILE B 41 3.36 15.24 38.39
CA ILE B 41 3.16 16.11 37.23
C ILE B 41 1.81 15.86 36.59
N LEU B 42 1.39 14.59 36.52
CA LEU B 42 0.07 14.27 35.98
C LEU B 42 -1.02 14.87 36.86
N GLN B 43 -0.80 14.90 38.17
CA GLN B 43 -1.77 15.54 39.07
C GLN B 43 -1.82 17.03 38.85
N LEU B 44 -0.67 17.67 38.62
CA LEU B 44 -0.65 19.10 38.34
C LEU B 44 -1.36 19.40 37.02
N LEU B 45 -1.22 18.52 36.03
CA LEU B 45 -1.93 18.71 34.77
C LEU B 45 -3.43 18.53 34.94
N ASP B 46 -3.84 17.54 35.74
CA ASP B 46 -5.27 17.30 35.96
C ASP B 46 -5.90 18.43 36.75
N ARG B 47 -5.21 18.95 37.77
CA ARG B 47 -5.73 20.08 38.51
C ARG B 47 -5.79 21.33 37.64
N LEU B 48 -4.77 21.54 36.81
CA LEU B 48 -4.79 22.67 35.89
C LEU B 48 -5.94 22.56 34.91
N ALA B 49 -6.23 21.34 34.44
CA ALA B 49 -7.35 21.15 33.54
C ALA B 49 -8.67 21.41 34.25
N ALA B 50 -8.80 20.98 35.50
CA ALA B 50 -10.06 21.13 36.22
C ALA B 50 -10.41 22.60 36.45
N HIS B 51 -9.39 23.44 36.67
CA HIS B 51 -9.64 24.86 36.92
C HIS B 51 -9.81 25.68 35.65
N ASN B 52 -9.78 25.04 34.48
CA ASN B 52 -9.92 25.71 33.19
C ASN B 52 -10.94 24.98 32.32
N ALA B 53 -12.01 24.48 32.94
CA ALA B 53 -13.13 23.82 32.25
C ALA B 53 -12.67 22.62 31.43
N GLY B 54 -11.52 22.04 31.74
CA GLY B 54 -11.03 20.89 31.01
C GLY B 54 -10.28 21.20 29.73
N ALA B 55 -9.81 22.43 29.56
CA ALA B 55 -9.14 22.83 28.31
C ALA B 55 -7.63 22.61 28.44
N LEU B 56 -7.25 21.32 28.43
CA LEU B 56 -5.85 20.93 28.44
C LEU B 56 -5.72 19.64 27.64
N ALA B 57 -4.91 19.67 26.59
CA ALA B 57 -4.74 18.52 25.72
C ALA B 57 -3.26 18.19 25.57
N LEU B 58 -2.98 16.91 25.34
CA LEU B 58 -1.64 16.43 25.05
C LEU B 58 -1.49 16.33 23.54
N ILE B 59 -0.50 17.03 23.00
CA ILE B 59 -0.24 17.06 21.56
C ILE B 59 1.10 16.37 21.35
N SER B 60 1.06 15.11 20.93
CA SER B 60 2.25 14.29 20.89
C SER B 60 2.38 13.60 19.53
N GLY B 61 3.60 13.17 19.23
CA GLY B 61 3.85 12.31 18.10
C GLY B 61 3.57 10.84 18.33
N ARG B 62 3.41 10.45 19.59
CA ARG B 62 3.10 9.07 19.92
C ARG B 62 1.63 8.77 19.59
N SER B 63 1.32 7.48 19.50
CA SER B 63 -0.07 7.06 19.38
C SER B 63 -0.81 7.36 20.68
N MET B 64 -2.12 7.62 20.55
CA MET B 64 -2.88 7.99 21.75
C MET B 64 -3.10 6.81 22.68
N THR B 65 -2.95 5.57 22.20
CA THR B 65 -2.96 4.44 23.11
C THR B 65 -1.78 4.48 24.06
N GLU B 66 -0.60 4.85 23.57
CA GLU B 66 0.54 5.06 24.45
C GLU B 66 0.32 6.26 25.35
N LEU B 67 -0.31 7.32 24.82
CA LEU B 67 -0.54 8.52 25.62
C LEU B 67 -1.47 8.23 26.79
N ASP B 68 -2.49 7.40 26.56
CA ASP B 68 -3.38 7.01 27.65
C ASP B 68 -2.66 6.17 28.69
N ALA B 69 -1.74 5.30 28.24
CA ALA B 69 -0.98 4.51 29.19
C ALA B 69 -0.01 5.38 29.99
N LEU B 70 0.54 6.43 29.37
CA LEU B 70 1.45 7.32 30.07
C LEU B 70 0.73 8.23 31.05
N ALA B 71 -0.52 8.60 30.76
CA ALA B 71 -1.28 9.53 31.58
C ALA B 71 -2.13 8.85 32.65
N LYS B 72 -2.17 7.52 32.67
CA LYS B 72 -2.96 6.80 33.65
C LYS B 72 -2.54 7.22 35.06
N PRO B 73 -3.50 7.34 36.01
CA PRO B 73 -4.93 7.04 35.87
C PRO B 73 -5.77 8.17 35.29
N PHE B 74 -5.12 9.22 34.78
CA PHE B 74 -5.83 10.39 34.28
C PHE B 74 -6.13 10.23 32.79
N ARG B 75 -7.10 11.01 32.32
CA ARG B 75 -7.59 10.92 30.96
C ARG B 75 -7.76 12.34 30.41
N PHE B 76 -6.92 12.71 29.46
CA PHE B 76 -6.98 14.02 28.82
C PHE B 76 -7.44 13.89 27.38
N PRO B 77 -8.00 14.95 26.80
CA PRO B 77 -8.13 14.99 25.33
C PRO B 77 -6.76 14.96 24.69
N LEU B 78 -6.64 14.20 23.60
CA LEU B 78 -5.35 13.89 23.04
C LEU B 78 -5.27 14.26 21.57
N ALA B 79 -4.07 14.61 21.13
CA ALA B 79 -3.70 14.59 19.73
C ALA B 79 -2.50 13.68 19.60
N GLY B 80 -2.63 12.62 18.80
CA GLY B 80 -1.54 11.68 18.65
C GLY B 80 -1.03 11.62 17.23
N VAL B 81 0.14 11.00 17.04
CA VAL B 81 0.78 10.87 15.73
C VAL B 81 0.81 12.22 15.03
N HIS B 82 1.25 13.26 15.74
CA HIS B 82 1.43 14.60 15.20
C HIS B 82 0.12 15.21 14.68
N GLY B 83 -1.02 14.68 15.09
CA GLY B 83 -2.31 15.16 14.64
C GLY B 83 -3.11 14.17 13.83
N ALA B 84 -2.50 13.07 13.39
CA ALA B 84 -3.23 12.05 12.64
C ALA B 84 -4.25 11.33 13.53
N GLU B 85 -4.08 11.40 14.84
CA GLU B 85 -5.04 10.88 15.81
C GLU B 85 -5.45 12.01 16.74
N ARG B 86 -6.74 12.10 17.02
CA ARG B 86 -7.26 13.16 17.89
C ARG B 86 -8.49 12.66 18.60
N ARG B 87 -8.65 13.07 19.87
CA ARG B 87 -9.80 12.71 20.68
C ARG B 87 -10.26 13.96 21.42
N ASP B 88 -11.52 14.35 21.21
CA ASP B 88 -12.03 15.58 21.82
C ASP B 88 -12.40 15.32 23.28
N ILE B 89 -13.13 16.27 23.87
CA ILE B 89 -13.40 16.20 25.31
C ILE B 89 -14.36 15.07 25.63
N ASN B 90 -15.22 14.67 24.68
CA ASN B 90 -16.20 13.61 24.93
C ASN B 90 -15.69 12.22 24.60
N GLY B 91 -14.57 12.10 23.88
CA GLY B 91 -14.06 10.82 23.46
C GLY B 91 -14.19 10.55 21.99
N LYS B 92 -14.82 11.43 21.22
CA LYS B 92 -14.94 11.24 19.78
C LYS B 92 -13.56 11.30 19.13
N THR B 93 -13.24 10.29 18.32
CA THR B 93 -11.92 10.13 17.73
C THR B 93 -11.94 10.53 16.25
N HIS B 94 -10.83 11.10 15.80
CA HIS B 94 -10.62 11.45 14.40
C HIS B 94 -9.27 10.86 13.99
N ILE B 95 -9.30 9.78 13.23
CA ILE B 95 -8.09 9.05 12.85
C ILE B 95 -7.94 9.12 11.34
N VAL B 96 -6.82 9.66 10.88
CA VAL B 96 -6.47 9.59 9.47
C VAL B 96 -6.13 8.15 9.12
N ARG B 97 -6.71 7.64 8.03
CA ARG B 97 -6.50 6.26 7.62
C ARG B 97 -5.97 6.25 6.19
N LEU B 98 -4.79 5.68 6.01
CA LEU B 98 -4.23 5.47 4.68
C LEU B 98 -4.78 4.19 4.06
N PRO B 99 -4.69 4.04 2.74
CA PRO B 99 -5.08 2.77 2.13
C PRO B 99 -4.27 1.62 2.71
N GLU B 100 -4.96 0.50 2.96
CA GLU B 100 -4.32 -0.65 3.59
C GLU B 100 -3.14 -1.17 2.78
N ALA B 101 -3.17 -1.01 1.46
CA ALA B 101 -2.05 -1.45 0.64
C ALA B 101 -0.84 -0.56 0.84
N VAL B 102 -1.05 0.75 0.97
CA VAL B 102 0.06 1.68 1.19
C VAL B 102 0.73 1.39 2.53
N VAL B 103 -0.07 1.27 3.59
CA VAL B 103 0.48 0.99 4.92
C VAL B 103 1.28 -0.31 4.90
N ARG B 104 0.76 -1.31 4.20
CA ARG B 104 1.42 -2.62 4.19
C ARG B 104 2.69 -2.61 3.35
N GLU B 105 2.66 -1.92 2.20
CA GLU B 105 3.84 -1.90 1.33
C GLU B 105 4.97 -1.10 1.96
N VAL B 106 4.65 -0.02 2.67
CA VAL B 106 5.69 0.80 3.29
C VAL B 106 6.28 0.08 4.49
N GLU B 107 5.43 -0.58 5.28
CA GLU B 107 5.91 -1.31 6.45
C GLU B 107 6.84 -2.45 6.06
N ALA B 108 6.49 -3.19 5.00
CA ALA B 108 7.37 -4.26 4.55
C ALA B 108 8.67 -3.71 3.97
N LEU B 109 8.62 -2.54 3.33
CA LEU B 109 9.83 -1.96 2.77
C LEU B 109 10.78 -1.49 3.88
N LEU B 110 10.24 -0.82 4.89
CA LEU B 110 11.09 -0.28 5.95
C LEU B 110 11.64 -1.40 6.83
N ARG B 111 10.84 -2.42 7.11
CA ARG B 111 11.32 -3.53 7.93
C ARG B 111 12.51 -4.23 7.28
N SER B 112 12.49 -4.35 5.95
CA SER B 112 13.55 -5.05 5.25
C SER B 112 14.81 -4.19 5.09
N THR B 113 14.63 -2.89 4.86
CA THR B 113 15.78 -2.05 4.54
C THR B 113 16.69 -1.85 5.75
N LEU B 114 16.10 -1.71 6.93
CA LEU B 114 16.88 -1.31 8.10
C LEU B 114 17.63 -2.47 8.73
N VAL B 115 17.45 -3.70 8.21
CA VAL B 115 18.36 -4.77 8.60
C VAL B 115 19.77 -4.48 8.12
N ALA B 116 19.93 -3.64 7.11
CA ALA B 116 21.23 -3.19 6.63
C ALA B 116 21.68 -1.91 7.32
N LEU B 117 20.97 -1.49 8.36
CA LEU B 117 21.36 -0.37 9.21
C LEU B 117 21.23 -0.83 10.66
N PRO B 118 22.24 -1.54 11.17
CA PRO B 118 22.14 -2.09 12.52
C PRO B 118 22.00 -1.00 13.57
N GLY B 119 21.19 -1.29 14.59
CA GLY B 119 20.87 -0.33 15.61
C GLY B 119 19.58 0.45 15.36
N THR B 120 19.16 0.54 14.11
CA THR B 120 17.93 1.25 13.78
C THR B 120 16.72 0.44 14.20
N GLU B 121 15.67 1.14 14.65
CA GLU B 121 14.42 0.51 15.04
C GLU B 121 13.26 1.17 14.31
N LEU B 122 12.30 0.36 13.89
CA LEU B 122 11.11 0.83 13.20
C LEU B 122 9.91 0.74 14.14
N GLU B 123 9.18 1.83 14.26
CA GLU B 123 7.98 1.89 15.09
C GLU B 123 6.78 2.17 14.18
N SER B 124 5.82 1.26 14.19
CA SER B 124 4.61 1.40 13.37
C SER B 124 3.49 1.96 14.23
N LYS B 125 2.85 3.03 13.73
CA LYS B 125 1.79 3.72 14.45
C LYS B 125 0.44 3.60 13.77
N GLY B 126 0.29 2.70 12.81
CA GLY B 126 -0.99 2.51 12.14
C GLY B 126 -1.09 3.28 10.85
N MET B 127 -0.97 4.60 10.92
CA MET B 127 -0.94 5.45 9.75
C MET B 127 0.38 6.19 9.60
N ALA B 128 1.41 5.78 10.34
CA ALA B 128 2.70 6.45 10.30
C ALA B 128 3.80 5.48 10.70
N PHE B 129 5.05 5.88 10.43
CA PHE B 129 6.21 5.06 10.71
C PHE B 129 7.33 5.93 11.24
N ALA B 130 7.93 5.53 12.37
CA ALA B 130 9.03 6.25 12.97
C ALA B 130 10.30 5.41 12.86
N LEU B 131 11.35 6.00 12.27
CA LEU B 131 12.65 5.34 12.12
C LEU B 131 13.58 5.89 13.18
N HIS B 132 13.78 5.11 14.24
CA HIS B 132 14.60 5.54 15.37
C HIS B 132 16.07 5.19 15.14
N TYR B 133 16.96 6.14 15.44
CA TYR B 133 18.39 5.90 15.33
C TYR B 133 19.16 6.45 16.52
N ARG B 134 18.51 6.53 17.69
CA ARG B 134 19.19 7.02 18.88
C ARG B 134 20.35 6.12 19.29
N GLN B 135 20.35 4.86 18.86
CA GLN B 135 21.43 3.93 19.15
C GLN B 135 22.41 3.79 18.00
N ALA B 136 22.15 4.41 16.86
CA ALA B 136 23.04 4.36 15.69
C ALA B 136 22.96 5.68 14.93
N PRO B 137 23.55 6.74 15.48
CA PRO B 137 23.51 8.05 14.79
C PRO B 137 24.20 8.04 13.43
N GLU B 138 25.00 7.02 13.12
CA GLU B 138 25.67 6.96 11.83
C GLU B 138 24.72 6.67 10.69
N HIS B 139 23.54 6.12 10.97
CA HIS B 139 22.55 5.80 9.95
C HIS B 139 21.55 6.92 9.71
N GLU B 140 21.81 8.13 10.20
CA GLU B 140 20.84 9.21 10.07
C GLU B 140 20.63 9.60 8.60
N ALA B 141 21.72 9.77 7.86
CA ALA B 141 21.61 10.18 6.47
C ALA B 141 20.92 9.12 5.62
N ALA B 142 21.19 7.84 5.90
CA ALA B 142 20.53 6.77 5.14
C ALA B 142 19.04 6.71 5.48
N LEU B 143 18.70 6.85 6.76
CA LEU B 143 17.29 6.87 7.16
C LEU B 143 16.57 8.06 6.54
N LEU B 144 17.22 9.23 6.51
CA LEU B 144 16.62 10.42 5.92
C LEU B 144 16.41 10.22 4.42
N ALA B 145 17.44 9.75 3.72
CA ALA B 145 17.31 9.52 2.29
C ALA B 145 16.26 8.44 2.00
N LEU B 146 16.19 7.42 2.85
CA LEU B 146 15.20 6.37 2.65
C LEU B 146 13.79 6.90 2.87
N ALA B 147 13.56 7.62 3.97
CA ALA B 147 12.23 8.12 4.27
C ALA B 147 11.78 9.17 3.25
N GLN B 148 12.71 10.02 2.80
CA GLN B 148 12.35 11.01 1.79
C GLN B 148 12.00 10.36 0.46
N HIS B 149 12.68 9.26 0.12
CA HIS B 149 12.31 8.53 -1.09
C HIS B 149 10.94 7.86 -0.95
N VAL B 150 10.59 7.42 0.26
CA VAL B 150 9.29 6.79 0.48
C VAL B 150 8.17 7.81 0.30
N THR B 151 8.36 9.03 0.81
CA THR B 151 7.34 10.06 0.68
C THR B 151 7.20 10.55 -0.75
N GLN B 152 8.23 10.39 -1.58
CA GLN B 152 8.14 10.81 -2.98
C GLN B 152 7.33 9.82 -3.81
N HIS B 153 7.49 8.53 -3.57
CA HIS B 153 6.75 7.53 -4.35
C HIS B 153 5.29 7.43 -3.90
N TRP B 154 5.02 7.63 -2.61
CA TRP B 154 3.66 7.67 -2.09
C TRP B 154 3.30 9.11 -1.72
N PRO B 155 2.60 9.84 -2.59
CA PRO B 155 2.28 11.24 -2.27
C PRO B 155 1.35 11.41 -1.08
N GLN B 156 0.76 10.33 -0.57
CA GLN B 156 -0.06 10.41 0.63
C GLN B 156 0.78 10.59 1.90
N LEU B 157 2.10 10.50 1.81
CA LEU B 157 2.97 10.48 2.98
C LEU B 157 3.87 11.71 2.97
N ALA B 158 4.12 12.23 4.17
CA ALA B 158 4.98 13.40 4.33
C ALA B 158 6.10 13.09 5.31
N LEU B 159 7.15 13.89 5.25
CA LEU B 159 8.33 13.72 6.09
C LEU B 159 8.22 14.54 7.36
N GLN B 160 8.65 13.97 8.48
CA GLN B 160 8.63 14.66 9.76
C GLN B 160 9.94 14.37 10.50
N LEU B 161 10.90 15.28 10.38
CA LEU B 161 12.17 15.13 11.08
C LEU B 161 11.97 15.30 12.59
N GLY B 162 12.86 14.66 13.36
CA GLY B 162 12.77 14.76 14.80
C GLY B 162 14.10 14.43 15.45
N LYS B 163 14.13 14.58 16.77
CA LYS B 163 15.32 14.26 17.56
C LYS B 163 15.58 12.76 17.51
N CYS B 164 16.64 12.36 16.81
CA CYS B 164 17.05 10.96 16.66
C CYS B 164 15.95 10.09 16.02
N VAL B 165 14.99 10.70 15.34
CA VAL B 165 13.93 9.97 14.66
C VAL B 165 13.65 10.62 13.31
N VAL B 166 13.39 9.80 12.30
CA VAL B 166 12.86 10.26 11.02
C VAL B 166 11.50 9.59 10.83
N GLU B 167 10.44 10.40 10.80
CA GLU B 167 9.08 9.88 10.78
C GLU B 167 8.43 10.08 9.42
N ILE B 168 7.56 9.13 9.07
CA ILE B 168 6.73 9.21 7.88
C ILE B 168 5.28 9.30 8.35
N LYS B 169 4.63 10.42 8.04
CA LYS B 169 3.29 10.72 8.50
C LYS B 169 2.37 11.01 7.32
N PRO B 170 1.05 10.94 7.51
CA PRO B 170 0.14 11.33 6.42
C PRO B 170 0.34 12.79 6.03
N LYS B 171 0.26 13.06 4.73
CA LYS B 171 0.45 14.42 4.24
C LYS B 171 -0.67 15.32 4.76
N GLY B 172 -0.30 16.54 5.13
CA GLY B 172 -1.26 17.46 5.70
C GLY B 172 -1.51 17.29 7.18
N THR B 173 -0.78 16.41 7.86
CA THR B 173 -0.89 16.22 9.29
C THR B 173 0.21 16.99 9.99
N ASN B 174 -0.16 17.84 10.95
CA ASN B 174 0.82 18.56 11.75
C ASN B 174 0.16 19.05 13.03
N LYS B 175 1.00 19.35 14.03
CA LYS B 175 0.48 19.71 15.35
C LYS B 175 -0.22 21.06 15.33
N GLY B 176 0.20 21.97 14.46
CA GLY B 176 -0.49 23.25 14.37
C GLY B 176 -1.94 23.11 13.96
N GLU B 177 -2.20 22.22 12.99
CA GLU B 177 -3.57 21.95 12.58
C GLU B 177 -4.33 21.19 13.65
N ALA B 178 -3.64 20.34 14.41
CA ALA B 178 -4.31 19.63 15.52
C ALA B 178 -4.73 20.60 16.62
N ILE B 179 -3.95 21.65 16.86
CA ILE B 179 -4.35 22.67 17.81
C ILE B 179 -5.52 23.48 17.28
N ALA B 180 -5.53 23.75 15.98
CA ALA B 180 -6.64 24.48 15.36
C ALA B 180 -7.95 23.72 15.52
N ALA B 181 -7.90 22.39 15.37
CA ALA B 181 -9.11 21.60 15.50
C ALA B 181 -9.66 21.66 16.92
N PHE B 182 -8.77 21.65 17.92
CA PHE B 182 -9.21 21.76 19.31
C PHE B 182 -9.77 23.14 19.61
N MET B 183 -9.13 24.20 19.11
CA MET B 183 -9.50 25.57 19.49
C MET B 183 -10.83 26.01 18.94
N GLN B 184 -11.44 25.23 18.04
CA GLN B 184 -12.74 25.55 17.48
C GLN B 184 -13.88 24.81 18.17
N GLU B 185 -13.57 23.90 19.10
CA GLU B 185 -14.59 23.16 19.82
C GLU B 185 -14.43 23.38 21.31
N ALA B 186 -15.52 23.20 22.05
CA ALA B 186 -15.48 23.33 23.49
C ALA B 186 -14.74 22.15 24.10
N PRO B 187 -14.09 22.35 25.26
CA PRO B 187 -14.03 23.57 26.07
C PRO B 187 -12.88 24.51 25.67
N PHE B 188 -12.08 24.09 24.70
CA PHE B 188 -10.96 24.92 24.26
C PHE B 188 -11.43 26.20 23.59
N ALA B 189 -12.56 26.16 22.88
CA ALA B 189 -13.03 27.34 22.15
C ALA B 189 -13.38 28.46 23.11
N GLY B 190 -12.81 29.63 22.87
CA GLY B 190 -13.05 30.82 23.67
C GLY B 190 -11.87 31.24 24.52
N ARG B 191 -10.83 30.43 24.61
CA ARG B 191 -9.66 30.72 25.43
C ARG B 191 -8.47 31.09 24.53
N ILE B 192 -7.38 31.47 25.17
CA ILE B 192 -6.13 31.82 24.49
C ILE B 192 -5.19 30.62 24.58
N PRO B 193 -4.69 30.11 23.45
CA PRO B 193 -3.91 28.87 23.50
C PRO B 193 -2.52 29.07 24.07
N VAL B 194 -2.08 28.09 24.84
CA VAL B 194 -0.70 28.00 25.33
C VAL B 194 -0.16 26.64 24.90
N PHE B 195 1.00 26.65 24.24
CA PHE B 195 1.58 25.43 23.71
C PHE B 195 3.05 25.35 24.09
N VAL B 196 3.43 24.22 24.70
CA VAL B 196 4.80 23.97 25.14
C VAL B 196 5.30 22.74 24.39
N GLY B 197 6.43 22.89 23.71
CA GLY B 197 7.01 21.81 22.92
C GLY B 197 8.52 21.95 22.87
N ASP B 198 9.16 20.95 22.26
CA ASP B 198 10.63 20.89 22.26
C ASP B 198 11.27 20.50 20.93
N ASP B 199 10.52 20.04 19.95
CA ASP B 199 11.11 19.47 18.73
C ASP B 199 10.52 20.15 17.49
N LEU B 200 10.97 19.69 16.32
CA LEU B 200 10.59 20.30 15.06
C LEU B 200 9.09 20.20 14.81
N THR B 201 8.48 19.08 15.18
CA THR B 201 7.04 18.92 14.98
C THR B 201 6.24 19.98 15.73
N ASP B 202 6.78 20.48 16.84
CA ASP B 202 6.10 21.49 17.63
C ASP B 202 6.22 22.88 17.05
N GLU B 203 7.11 23.09 16.07
CA GLU B 203 7.24 24.41 15.45
C GLU B 203 5.98 24.80 14.70
N ALA B 204 5.27 23.82 14.13
CA ALA B 204 3.99 24.12 13.49
C ALA B 204 2.97 24.62 14.51
N GLY B 205 2.95 24.02 15.70
CA GLY B 205 2.08 24.53 16.75
C GLY B 205 2.47 25.91 17.21
N PHE B 206 3.78 26.17 17.33
CA PHE B 206 4.24 27.50 17.73
C PHE B 206 3.76 28.57 16.75
N GLY B 207 3.75 28.25 15.46
CA GLY B 207 3.34 29.24 14.47
C GLY B 207 1.88 29.63 14.60
N VAL B 208 0.99 28.63 14.72
CA VAL B 208 -0.44 28.94 14.81
C VAL B 208 -0.77 29.58 16.16
N VAL B 209 -0.03 29.24 17.22
CA VAL B 209 -0.28 29.83 18.52
C VAL B 209 0.21 31.27 18.55
N ASN B 210 1.36 31.54 17.92
CA ASN B 210 1.85 32.92 17.85
C ASN B 210 0.89 33.82 17.08
N HIS B 211 0.38 33.32 15.94
CA HIS B 211 -0.54 34.13 15.15
C HIS B 211 -1.83 34.41 15.90
N ALA B 212 -2.24 33.51 16.78
CA ALA B 212 -3.45 33.69 17.57
C ALA B 212 -3.24 34.62 18.77
N GLY B 213 -2.03 35.08 19.01
CA GLY B 213 -1.77 35.87 20.20
C GLY B 213 -1.63 35.07 21.47
N GLY B 214 -1.32 33.78 21.39
CA GLY B 214 -1.15 32.94 22.54
C GLY B 214 0.29 32.92 23.02
N ILE B 215 0.60 31.93 23.85
CA ILE B 215 1.92 31.76 24.43
C ILE B 215 2.52 30.47 23.89
N SER B 216 3.68 30.59 23.25
CA SER B 216 4.40 29.44 22.71
C SER B 216 5.73 29.31 23.44
N VAL B 217 5.98 28.14 24.04
CA VAL B 217 7.15 27.91 24.87
C VAL B 217 7.97 26.79 24.24
N LYS B 218 9.23 27.08 23.94
CA LYS B 218 10.20 26.10 23.46
C LYS B 218 11.00 25.58 24.65
N VAL B 219 11.16 24.26 24.72
CA VAL B 219 11.90 23.63 25.80
C VAL B 219 13.27 23.23 25.27
N GLY B 220 14.32 23.60 26.01
CA GLY B 220 15.66 23.18 25.67
C GLY B 220 16.32 24.05 24.60
N VAL B 221 17.47 23.59 24.15
CA VAL B 221 18.27 24.38 23.22
C VAL B 221 17.79 24.16 21.79
N GLY B 222 18.19 25.07 20.91
CA GLY B 222 17.83 24.98 19.51
C GLY B 222 17.06 26.17 18.99
N ALA B 223 17.18 26.44 17.69
CA ALA B 223 16.44 27.52 17.07
C ALA B 223 14.94 27.21 17.08
N THR B 224 14.14 28.26 17.25
CA THR B 224 12.70 28.11 17.33
C THR B 224 12.03 29.41 16.92
N GLN B 225 10.77 29.29 16.52
CA GLN B 225 9.91 30.46 16.32
C GLN B 225 9.01 30.73 17.51
N ALA B 226 9.14 29.93 18.58
CA ALA B 226 8.42 30.21 19.81
C ALA B 226 8.92 31.51 20.43
N ALA B 227 8.00 32.19 21.12
CA ALA B 227 8.33 33.47 21.74
C ALA B 227 9.05 33.31 23.08
N TRP B 228 8.83 32.19 23.77
CA TRP B 228 9.37 31.99 25.10
C TRP B 228 10.10 30.66 25.16
N ARG B 229 10.98 30.52 26.16
CA ARG B 229 11.82 29.35 26.30
C ARG B 229 11.96 28.94 27.75
N LEU B 230 11.86 27.64 27.99
CA LEU B 230 12.21 27.01 29.26
C LEU B 230 13.43 26.12 29.05
N GLU B 231 14.30 26.07 30.06
CA GLU B 231 15.63 25.50 29.86
C GLU B 231 15.58 23.98 29.71
N SER B 232 14.70 23.31 30.44
CA SER B 232 14.71 21.85 30.46
C SER B 232 13.33 21.35 30.89
N VAL B 233 13.20 20.02 30.89
CA VAL B 233 11.94 19.40 31.33
C VAL B 233 11.64 19.69 32.79
N PRO B 234 12.58 19.61 33.73
CA PRO B 234 12.26 20.00 35.11
C PRO B 234 11.83 21.46 35.24
N ASP B 235 12.24 22.32 34.31
CA ASP B 235 11.76 23.70 34.31
C ASP B 235 10.29 23.78 33.90
N VAL B 236 9.85 22.86 33.02
CA VAL B 236 8.43 22.77 32.72
C VAL B 236 7.66 22.32 33.96
N TRP B 237 8.23 21.40 34.75
CA TRP B 237 7.57 20.92 35.95
C TRP B 237 7.38 22.04 36.96
N ARG B 238 8.44 22.82 37.22
CA ARG B 238 8.34 23.92 38.18
C ARG B 238 7.36 24.97 37.70
N TRP B 239 7.30 25.22 36.38
CA TRP B 239 6.31 26.14 35.84
C TRP B 239 4.90 25.64 36.11
N LEU B 240 4.68 24.33 35.98
CA LEU B 240 3.38 23.75 36.30
C LEU B 240 3.04 23.92 37.77
N GLU B 241 4.05 23.78 38.64
CA GLU B 241 3.81 23.93 40.07
C GLU B 241 3.47 25.37 40.44
N GLN B 242 4.13 26.34 39.81
CA GLN B 242 3.87 27.74 40.12
C GLN B 242 2.49 28.17 39.66
N ILE B 243 1.98 27.59 38.57
CA ILE B 243 0.61 27.87 38.14
C ILE B 243 -0.38 27.35 39.16
N ASN B 244 -0.14 26.14 39.69
CA ASN B 244 -1.07 25.52 40.61
C ASN B 244 -0.98 26.12 42.01
N TYR B 245 0.25 26.32 42.51
CA TYR B 245 0.48 26.80 43.88
C TYR B 245 1.48 27.94 43.84
N PRO B 246 1.02 29.17 43.54
CA PRO B 246 1.90 30.34 43.52
C PRO B 246 2.28 30.81 44.92
#